data_7K16
#
_entry.id   7K16
#
_cell.length_a   79.100
_cell.length_b   79.100
_cell.length_c   40.690
_cell.angle_alpha   90.000
_cell.angle_beta   90.000
_cell.angle_gamma   120.000
#
_symmetry.space_group_name_H-M   'P 31 2 1'
#
loop_
_entity.id
_entity.type
_entity.pdbx_description
1 polymer 'RNA (51-MER)'
2 non-polymer 'MAGNESIUM ION'
3 non-polymer 'SODIUM ION'
4 water water
#
_entity_poly.entity_id   1
_entity_poly.type   'polyribonucleotide'
_entity_poly.pdbx_seq_one_letter_code
;GGCAAGGUACGGCGAAAGCCGUAGGGGCUUGAGAACCCCCCCUCCCCACUC
;
_entity_poly.pdbx_strand_id   P
#
loop_
_chem_comp.id
_chem_comp.type
_chem_comp.name
_chem_comp.formula
A RNA linking ADENOSINE-5'-MONOPHOSPHATE 'C10 H14 N5 O7 P'
C RNA linking CYTIDINE-5'-MONOPHOSPHATE 'C9 H14 N3 O8 P'
G RNA linking GUANOSINE-5'-MONOPHOSPHATE 'C10 H14 N5 O8 P'
MG non-polymer 'MAGNESIUM ION' 'Mg 2'
NA non-polymer 'SODIUM ION' 'Na 1'
U RNA linking URIDINE-5'-MONOPHOSPHATE 'C9 H13 N2 O9 P'
#
# COMPACT_ATOMS: atom_id res chain seq x y z
MG MG B . 5.44 -1.44 -10.20
MG MG C . 2.32 1.02 0.05
MG MG D . -7.74 -1.45 -3.30
MG MG E . -1.73 10.56 2.95
MG MG F . 2.41 -14.46 18.59
NA NA G . -0.71 5.77 -8.10
#